data_4K11
#
_entry.id   4K11
#
_cell.length_a   50.96
_cell.length_b   72.72
_cell.length_c   171.98
_cell.angle_alpha   90.00
_cell.angle_beta   90.00
_cell.angle_gamma   90.00
#
_symmetry.space_group_name_H-M   'P 21 21 21'
#
loop_
_entity.id
_entity.type
_entity.pdbx_description
1 polymer 'Proto-oncogene tyrosine-protein kinase Src'
2 non-polymer 1-tert-butyl-3-(naphthalen-1-yl)-1H-pyrazolo[3,4-d]pyrimidin-4-amine
3 water water
#
_entity_poly.entity_id   1
_entity_poly.type   'polypeptide(L)'
_entity_poly.pdbx_seq_one_letter_code
;TTFVALYDYESRTETDLSFKKGERLQIVNNTEGDWWLAHSLSTGQTGYIPSNYVAPSDSIQAEEWYFGKITRRESERLLL
NAENPRGTFLVRESETTKGAYCLSVSDFDNAKGLNVKHYKIRKLDSGGFYITSRTQFNSLQQLVAYYSKHADGLCHRLTT
VCPTSKPQTQGLAKDAWEIPRESLRLEVKLGQGCFGEVWMGTWNGTTRVAIKTLKPGTMSPEAFLQEAQVMKKLRHEKLV
QLYAVVSEEPIYIVGEYMSKGSLLDFLKGETGKYLRLPQLVDMAAQIASGMAYVERMNYVHRDLRAANILVGENLVCKVA
DFGLARLIEDNEYTARQGAKFPIKWTAPEAALYGRFTIKSDVWSFGILLTELTTKGRVPYPGMVNREVLDQVERGYRMPC
PPECPESLHDLMCQCWRKEPEERPTFEYLQAFLEDYFTSTEPQ(PTR)QPGE
;
_entity_poly.pdbx_strand_id   A
#
loop_
_chem_comp.id
_chem_comp.type
_chem_comp.name
_chem_comp.formula
0J9 non-polymer 1-tert-butyl-3-(naphthalen-1-yl)-1H-pyrazolo[3,4-d]pyrimidin-4-amine 'C19 H19 N5'
#
# COMPACT_ATOMS: atom_id res chain seq x y z
N THR A 1 2.14 20.97 27.32
CA THR A 1 3.02 20.49 26.20
C THR A 1 3.07 18.95 26.04
N THR A 2 2.10 18.24 26.57
CA THR A 2 2.09 16.80 26.50
C THR A 2 1.57 16.21 25.18
N PHE A 3 2.06 15.02 24.80
CA PHE A 3 1.53 14.26 23.69
C PHE A 3 0.61 13.15 24.17
N VAL A 4 -0.25 12.68 23.28
CA VAL A 4 -1.16 11.56 23.57
C VAL A 4 -0.95 10.41 22.56
N ALA A 5 -1.02 9.18 23.03
CA ALA A 5 -0.87 7.98 22.20
C ALA A 5 -2.13 7.76 21.35
N LEU A 6 -1.93 7.60 20.04
CA LEU A 6 -3.08 7.37 19.09
C LEU A 6 -3.47 5.92 18.98
N TYR A 7 -2.53 5.00 19.29
CA TYR A 7 -2.69 3.52 19.21
C TYR A 7 -1.83 2.93 20.33
N ASP A 8 -2.13 1.68 20.71
CA ASP A 8 -1.31 0.87 21.58
C ASP A 8 0.02 0.56 20.91
N TYR A 9 1.07 0.46 21.72
CA TYR A 9 2.37 0.04 21.24
C TYR A 9 3.01 -0.93 22.23
N GLU A 10 3.37 -2.12 21.75
CA GLU A 10 4.04 -3.10 22.58
C GLU A 10 5.52 -2.95 22.40
N SER A 11 6.22 -2.90 23.50
CA SER A 11 7.67 -2.85 23.49
C SER A 11 8.34 -3.93 22.66
N ARG A 12 9.42 -3.58 22.00
CA ARG A 12 10.13 -4.51 21.14
C ARG A 12 11.57 -4.72 21.59
N THR A 13 12.12 -3.77 22.33
CA THR A 13 13.51 -3.84 22.80
C THR A 13 13.58 -3.46 24.25
N GLU A 14 14.78 -3.50 24.79
CA GLU A 14 15.07 -3.05 26.15
C GLU A 14 14.99 -1.51 26.38
N THR A 15 15.22 -0.74 25.32
CA THR A 15 15.30 0.70 25.42
C THR A 15 14.10 1.42 24.82
N ASP A 16 13.00 0.71 24.58
CA ASP A 16 11.79 1.37 24.12
C ASP A 16 10.67 1.34 25.15
N LEU A 17 9.55 2.00 24.86
CA LEU A 17 8.46 2.13 25.82
C LEU A 17 7.09 1.67 25.31
N SER A 18 6.45 0.76 26.02
CA SER A 18 5.06 0.39 25.74
C SER A 18 4.11 1.43 26.22
N PHE A 19 2.96 1.54 25.54
CA PHE A 19 1.92 2.42 25.98
C PHE A 19 0.59 1.99 25.39
N LYS A 20 -0.48 2.44 26.02
CA LYS A 20 -1.81 2.19 25.54
C LYS A 20 -2.32 3.47 24.88
N LYS A 21 -3.32 3.31 24.05
CA LYS A 21 -3.96 4.37 23.38
C LYS A 21 -4.60 5.30 24.41
N GLY A 22 -4.36 6.59 24.27
CA GLY A 22 -4.92 7.55 25.20
C GLY A 22 -3.96 7.97 26.31
N GLU A 23 -2.87 7.23 26.48
CA GLU A 23 -1.84 7.53 27.46
C GLU A 23 -1.10 8.82 27.13
N ARG A 24 -0.93 9.65 28.14
CA ARG A 24 -0.25 10.94 28.02
C ARG A 24 1.23 10.75 28.15
N LEU A 25 1.99 11.32 27.23
CA LEU A 25 3.42 11.15 27.29
C LEU A 25 4.13 12.51 27.23
N GLN A 26 5.33 12.61 27.80
CA GLN A 26 6.12 13.82 27.62
C GLN A 26 7.19 13.46 26.68
N ILE A 27 7.54 14.32 25.74
CA ILE A 27 8.68 14.00 24.90
C ILE A 27 9.88 14.72 25.52
N VAL A 28 10.78 13.94 26.09
CA VAL A 28 11.90 14.47 26.82
C VAL A 28 13.14 14.58 25.97
N ASN A 29 13.06 14.04 24.77
CA ASN A 29 14.05 14.25 23.75
C ASN A 29 13.44 14.04 22.36
N ASN A 30 13.30 15.09 21.58
CA ASN A 30 12.69 14.94 20.26
C ASN A 30 13.63 15.15 19.09
N THR A 31 14.92 15.21 19.35
CA THR A 31 15.92 15.48 18.33
C THR A 31 15.86 14.53 17.08
N GLU A 32 15.80 13.21 17.29
CA GLU A 32 15.69 12.28 16.15
C GLU A 32 14.26 12.34 15.60
N GLY A 33 14.15 12.19 14.29
CA GLY A 33 12.87 12.29 13.62
C GLY A 33 11.86 11.17 13.81
N ASP A 34 12.28 9.89 13.76
CA ASP A 34 11.27 8.81 13.73
C ASP A 34 11.02 8.09 15.06
N TRP A 35 12.03 8.11 15.92
CA TRP A 35 11.92 7.62 17.30
C TRP A 35 12.23 8.70 18.29
N TRP A 36 11.28 9.04 19.16
CA TRP A 36 11.47 10.01 20.20
C TRP A 36 11.61 9.36 21.54
N LEU A 37 12.43 9.92 22.43
CA LEU A 37 12.51 9.48 23.79
C LEU A 37 11.36 10.07 24.61
N ALA A 38 10.61 9.23 25.31
CA ALA A 38 9.41 9.72 25.92
C ALA A 38 9.34 9.24 27.34
N HIS A 39 8.29 9.63 28.05
CA HIS A 39 8.19 9.36 29.47
C HIS A 39 6.74 9.38 29.82
N SER A 40 6.20 8.22 30.16
CA SER A 40 4.80 8.11 30.54
C SER A 40 4.52 8.85 31.81
N LEU A 41 3.59 9.78 31.70
CA LEU A 41 3.09 10.46 32.88
C LEU A 41 2.25 9.57 33.75
N SER A 42 1.91 8.35 33.33
CA SER A 42 1.10 7.43 34.17
C SER A 42 1.95 6.43 34.93
N THR A 43 2.88 5.78 34.21
CA THR A 43 3.73 4.75 34.77
C THR A 43 5.15 5.26 35.25
N GLY A 44 5.63 6.38 34.71
CA GLY A 44 6.91 6.90 35.08
C GLY A 44 7.98 6.30 34.22
N GLN A 45 7.64 5.34 33.36
CA GLN A 45 8.70 4.63 32.60
C GLN A 45 9.18 5.48 31.42
N THR A 46 10.41 5.29 31.01
CA THR A 46 10.92 6.05 29.90
C THR A 46 11.36 5.09 28.81
N GLY A 47 11.53 5.61 27.61
CA GLY A 47 11.92 4.77 26.50
C GLY A 47 11.51 5.38 25.19
N TYR A 48 12.01 4.82 24.11
CA TYR A 48 11.79 5.37 22.81
C TYR A 48 10.44 4.95 22.24
N ILE A 49 9.78 5.87 21.54
CA ILE A 49 8.46 5.57 20.96
C ILE A 49 8.43 6.02 19.50
N PRO A 50 7.63 5.38 18.70
CA PRO A 50 7.52 5.79 17.30
C PRO A 50 6.74 7.09 17.21
N SER A 51 7.32 8.14 16.62
CA SER A 51 6.65 9.48 16.60
C SER A 51 5.29 9.51 15.90
N ASN A 52 5.05 8.57 14.98
CA ASN A 52 3.78 8.45 14.28
C ASN A 52 2.66 7.78 15.11
N TYR A 53 2.95 7.38 16.36
CA TYR A 53 1.92 6.81 17.23
C TYR A 53 1.41 7.82 18.22
N VAL A 54 1.89 9.05 18.12
CA VAL A 54 1.46 10.10 19.04
C VAL A 54 1.04 11.41 18.30
N ALA A 55 0.22 12.23 18.96
CA ALA A 55 -0.07 13.55 18.49
C ALA A 55 -0.10 14.50 19.70
N PRO A 56 0.12 15.82 19.45
CA PRO A 56 0.00 16.83 20.52
C PRO A 56 -1.34 16.77 21.21
N SER A 57 -1.34 16.89 22.52
CA SER A 57 -2.50 16.61 23.37
C SER A 57 -3.79 17.32 23.03
N ASP A 58 -3.72 18.52 22.51
CA ASP A 58 -5.04 19.09 22.23
C ASP A 58 -5.26 19.33 20.75
N SER A 59 -4.46 18.68 19.91
CA SER A 59 -4.46 18.99 18.51
C SER A 59 -5.64 18.27 17.88
N ILE A 60 -5.84 18.56 16.62
CA ILE A 60 -6.90 17.92 15.84
C ILE A 60 -6.43 16.50 15.53
N GLN A 61 -5.14 16.32 15.23
CA GLN A 61 -4.55 14.97 15.01
C GLN A 61 -4.76 14.03 16.20
N ALA A 62 -5.04 14.56 17.39
CA ALA A 62 -5.32 13.73 18.53
C ALA A 62 -6.71 13.16 18.46
N GLU A 63 -7.52 13.70 17.59
CA GLU A 63 -8.88 13.22 17.53
C GLU A 63 -8.93 11.86 16.84
N GLU A 64 -9.59 10.94 17.49
CA GLU A 64 -9.64 9.58 17.03
C GLU A 64 -10.33 9.46 15.62
N TRP A 65 -11.27 10.35 15.29
CA TRP A 65 -11.97 10.33 14.00
C TRP A 65 -11.31 11.17 12.96
N TYR A 66 -10.20 11.84 13.27
CA TYR A 66 -9.53 12.70 12.28
C TYR A 66 -8.47 11.94 11.55
N PHE A 67 -8.62 11.75 10.25
CA PHE A 67 -7.71 10.92 9.45
C PHE A 67 -6.78 11.72 8.57
N GLY A 68 -6.80 13.03 8.65
CA GLY A 68 -5.71 13.80 8.01
C GLY A 68 -5.75 13.78 6.48
N LYS A 69 -4.63 13.65 5.84
CA LYS A 69 -4.66 13.67 4.37
C LYS A 69 -4.86 12.23 3.81
N ILE A 70 -6.09 11.80 3.71
CA ILE A 70 -6.34 10.46 3.23
C ILE A 70 -7.21 10.70 2.00
N THR A 71 -7.01 9.90 0.96
CA THR A 71 -7.77 10.13 -0.23
C THR A 71 -9.23 9.86 0.03
N ARG A 72 -10.06 10.35 -0.86
CA ARG A 72 -11.44 9.97 -0.84
C ARG A 72 -11.54 8.43 -1.02
N ARG A 73 -10.71 7.87 -1.88
CA ARG A 73 -10.84 6.47 -2.24
C ARG A 73 -10.43 5.58 -1.08
N GLU A 74 -9.36 5.98 -0.41
CA GLU A 74 -8.77 5.20 0.66
C GLU A 74 -9.66 5.24 1.86
N SER A 75 -10.36 6.35 1.93
CA SER A 75 -11.32 6.69 2.93
C SER A 75 -12.53 5.75 2.77
N GLU A 76 -12.90 5.48 1.53
CA GLU A 76 -13.99 4.58 1.25
C GLU A 76 -13.67 3.15 1.50
N ARG A 77 -12.44 2.73 1.21
CA ARG A 77 -12.05 1.37 1.48
C ARG A 77 -12.16 1.05 2.96
N LEU A 78 -11.69 1.97 3.84
CA LEU A 78 -11.95 1.79 5.32
C LEU A 78 -13.44 1.81 5.76
N LEU A 79 -14.18 2.80 5.29
CA LEU A 79 -15.58 2.99 5.69
C LEU A 79 -16.50 1.88 5.26
N LEU A 80 -16.25 1.34 4.07
CA LEU A 80 -17.06 0.28 3.49
C LEU A 80 -16.82 -1.13 4.10
N ASN A 81 -15.90 -1.26 5.04
CA ASN A 81 -15.70 -2.57 5.66
C ASN A 81 -17.05 -3.09 6.20
N ALA A 82 -17.33 -4.39 5.98
CA ALA A 82 -18.66 -4.96 6.28
C ALA A 82 -18.97 -4.95 7.77
N GLU A 83 -17.96 -4.96 8.62
CA GLU A 83 -18.17 -4.83 10.05
C GLU A 83 -18.69 -3.47 10.55
N ASN A 84 -18.57 -2.40 9.73
CA ASN A 84 -18.93 -1.05 10.17
C ASN A 84 -20.47 -0.88 10.21
N PRO A 85 -21.00 -0.50 11.37
CA PRO A 85 -22.40 -0.03 11.46
C PRO A 85 -22.64 1.17 10.59
N ARG A 86 -23.90 1.42 10.25
CA ARG A 86 -24.17 2.64 9.53
C ARG A 86 -23.88 3.83 10.46
N GLY A 87 -23.41 4.92 9.86
CA GLY A 87 -23.03 6.10 10.59
C GLY A 87 -21.57 6.01 11.02
N THR A 88 -20.83 5.05 10.49
CA THR A 88 -19.42 5.04 10.77
C THR A 88 -18.86 6.23 9.99
N PHE A 89 -17.88 6.93 10.58
CA PHE A 89 -17.41 8.16 9.96
C PHE A 89 -15.97 8.47 10.18
N LEU A 90 -15.49 9.48 9.48
CA LEU A 90 -14.17 10.03 9.68
C LEU A 90 -14.11 11.42 9.08
N VAL A 91 -13.15 12.20 9.50
CA VAL A 91 -12.95 13.55 8.95
C VAL A 91 -11.59 13.55 8.35
N ARG A 92 -11.46 14.16 7.19
CA ARG A 92 -10.17 14.25 6.53
C ARG A 92 -10.00 15.63 5.86
N GLU A 93 -8.80 15.87 5.33
CA GLU A 93 -8.54 17.04 4.51
C GLU A 93 -9.20 16.89 3.15
N SER A 94 -9.94 17.91 2.75
CA SER A 94 -10.49 18.00 1.42
C SER A 94 -9.36 18.13 0.39
N GLU A 95 -9.41 17.31 -0.66
CA GLU A 95 -8.43 17.35 -1.75
C GLU A 95 -8.67 18.51 -2.72
N THR A 96 -9.93 18.73 -3.09
CA THR A 96 -10.28 19.72 -4.13
C THR A 96 -10.29 21.20 -3.65
N THR A 97 -10.54 21.42 -2.36
CA THR A 97 -10.38 22.77 -1.79
C THR A 97 -9.41 22.82 -0.63
N LYS A 98 -8.28 23.48 -0.86
CA LYS A 98 -7.26 23.65 0.16
C LYS A 98 -7.83 24.29 1.45
N GLY A 99 -7.38 23.82 2.61
CA GLY A 99 -7.84 24.35 3.88
C GLY A 99 -9.27 24.00 4.24
N ALA A 100 -10.02 23.33 3.36
CA ALA A 100 -11.33 22.76 3.74
C ALA A 100 -11.22 21.29 4.25
N TYR A 101 -12.26 20.83 4.93
CA TYR A 101 -12.28 19.46 5.44
C TYR A 101 -13.45 18.64 4.88
N CYS A 102 -13.50 17.38 5.25
CA CYS A 102 -14.52 16.54 4.68
C CYS A 102 -15.01 15.51 5.67
N LEU A 103 -16.31 15.41 5.84
CA LEU A 103 -16.87 14.39 6.68
C LEU A 103 -17.42 13.25 5.82
N SER A 104 -16.78 12.06 5.92
CA SER A 104 -17.20 10.88 5.17
C SER A 104 -18.01 9.92 6.04
N VAL A 105 -19.17 9.46 5.56
CA VAL A 105 -20.08 8.70 6.41
C VAL A 105 -20.59 7.49 5.62
N SER A 106 -20.65 6.34 6.28
CA SER A 106 -21.17 5.13 5.69
C SER A 106 -22.72 5.04 5.85
N ASP A 107 -23.39 4.56 4.80
CA ASP A 107 -24.85 4.54 4.76
C ASP A 107 -25.38 3.33 4.02
N PHE A 108 -26.67 3.08 4.20
CA PHE A 108 -27.29 1.96 3.48
C PHE A 108 -28.62 2.42 2.90
N ASP A 109 -28.89 2.03 1.67
CA ASP A 109 -30.07 2.47 0.94
C ASP A 109 -30.49 1.21 0.18
N ASN A 110 -31.78 1.01 -0.09
CA ASN A 110 -32.14 -0.12 -0.96
C ASN A 110 -31.66 -0.06 -2.42
N ALA A 111 -31.89 1.05 -3.08
CA ALA A 111 -31.21 1.18 -4.37
C ALA A 111 -29.69 0.88 -4.30
N LYS A 112 -28.93 1.60 -3.47
CA LYS A 112 -27.47 1.49 -3.61
C LYS A 112 -26.79 0.43 -2.75
N GLY A 113 -27.50 -0.15 -1.79
CA GLY A 113 -26.86 -0.94 -0.73
C GLY A 113 -25.90 -0.07 0.12
N LEU A 114 -24.75 -0.63 0.44
CA LEU A 114 -23.80 0.00 1.31
C LEU A 114 -22.98 1.04 0.56
N ASN A 115 -22.88 2.26 1.10
CA ASN A 115 -22.24 3.35 0.37
C ASN A 115 -21.70 4.48 1.26
N VAL A 116 -20.89 5.35 0.68
CA VAL A 116 -20.26 6.42 1.44
C VAL A 116 -20.67 7.76 0.94
N LYS A 117 -21.15 8.62 1.86
CA LYS A 117 -21.55 9.99 1.49
C LYS A 117 -20.56 10.97 2.08
N HIS A 118 -20.08 11.91 1.27
CA HIS A 118 -19.11 12.93 1.65
C HIS A 118 -19.73 14.27 1.78
N TYR A 119 -19.36 15.00 2.83
CA TYR A 119 -19.85 16.35 3.03
C TYR A 119 -18.65 17.27 3.19
N LYS A 120 -18.52 18.25 2.30
CA LYS A 120 -17.43 19.21 2.40
C LYS A 120 -17.66 20.21 3.56
N ILE A 121 -16.61 20.37 4.39
CA ILE A 121 -16.69 21.23 5.55
C ILE A 121 -15.91 22.44 5.22
N ARG A 122 -16.59 23.58 5.15
CA ARG A 122 -15.91 24.83 4.83
C ARG A 122 -15.84 25.64 6.10
N LYS A 123 -14.77 26.40 6.17
CA LYS A 123 -14.48 27.27 7.29
C LYS A 123 -14.79 28.68 6.84
N LEU A 124 -15.52 29.42 7.66
CA LEU A 124 -15.88 30.80 7.29
C LEU A 124 -14.66 31.70 7.43
N ASP A 125 -14.68 32.82 6.69
CA ASP A 125 -13.74 33.93 6.95
C ASP A 125 -13.91 34.52 8.38
N SER A 126 -15.16 34.59 8.87
CA SER A 126 -15.45 34.90 10.29
C SER A 126 -14.95 33.85 11.28
N GLY A 127 -14.60 32.65 10.79
CA GLY A 127 -13.94 31.63 11.64
C GLY A 127 -14.63 30.27 11.80
N GLY A 128 -15.96 30.23 11.60
CA GLY A 128 -16.78 29.02 11.85
C GLY A 128 -16.66 27.92 10.79
N PHE A 129 -17.04 26.68 11.18
CA PHE A 129 -17.07 25.53 10.26
C PHE A 129 -18.52 25.14 10.05
N TYR A 130 -18.87 24.70 8.85
CA TYR A 130 -20.27 24.33 8.61
C TYR A 130 -20.33 23.34 7.44
N ILE A 131 -21.38 22.53 7.43
CA ILE A 131 -21.70 21.67 6.28
C ILE A 131 -22.82 22.39 5.53
N THR A 132 -23.89 22.71 6.26
CA THR A 132 -24.94 23.59 5.80
C THR A 132 -24.83 24.90 6.58
N SER A 133 -24.78 26.05 5.88
CA SER A 133 -24.66 27.40 6.52
C SER A 133 -25.64 27.64 7.69
N ARG A 134 -26.79 26.99 7.61
CA ARG A 134 -27.84 26.96 8.63
C ARG A 134 -27.34 26.66 10.04
N THR A 135 -26.21 25.98 10.15
CA THR A 135 -25.69 25.61 11.44
C THR A 135 -24.14 25.53 11.40
N GLN A 136 -23.47 26.44 12.12
CA GLN A 136 -22.02 26.50 12.07
C GLN A 136 -21.43 26.10 13.43
N PHE A 137 -20.11 25.94 13.44
CA PHE A 137 -19.42 25.40 14.59
C PHE A 137 -18.06 26.02 14.71
N ASN A 138 -17.66 26.28 15.96
CA ASN A 138 -16.37 26.92 16.23
C ASN A 138 -15.15 26.04 16.07
N SER A 139 -15.38 24.73 16.09
CA SER A 139 -14.30 23.76 15.79
C SER A 139 -14.85 22.50 15.10
N LEU A 140 -13.97 21.72 14.47
CA LEU A 140 -14.35 20.37 13.93
C LEU A 140 -14.96 19.46 15.01
N GLN A 141 -14.39 19.52 16.23
CA GLN A 141 -14.81 18.70 17.38
C GLN A 141 -16.25 18.90 17.72
N GLN A 142 -16.66 20.17 17.67
CA GLN A 142 -18.02 20.52 18.01
C GLN A 142 -18.95 20.11 16.92
N LEU A 143 -18.51 20.29 15.68
CA LEU A 143 -19.32 19.78 14.53
C LEU A 143 -19.64 18.29 14.75
N VAL A 144 -18.59 17.52 15.05
CA VAL A 144 -18.71 16.08 15.21
C VAL A 144 -19.61 15.73 16.39
N ALA A 145 -19.50 16.48 17.46
CA ALA A 145 -20.35 16.19 18.61
C ALA A 145 -21.84 16.38 18.33
N TYR A 146 -22.16 17.40 17.57
CA TYR A 146 -23.55 17.75 17.34
C TYR A 146 -24.21 16.70 16.43
N TYR A 147 -23.53 16.41 15.32
CA TYR A 147 -23.94 15.37 14.40
C TYR A 147 -23.90 13.93 14.91
N SER A 148 -23.25 13.67 16.04
CA SER A 148 -23.40 12.40 16.77
C SER A 148 -24.69 12.34 17.55
N LYS A 149 -25.30 13.51 17.85
CA LYS A 149 -26.63 13.47 18.51
C LYS A 149 -27.82 13.58 17.57
N HIS A 150 -27.70 14.34 16.50
CA HIS A 150 -28.82 14.54 15.58
C HIS A 150 -28.28 14.51 14.20
N ALA A 151 -28.84 13.63 13.36
CA ALA A 151 -28.58 13.59 11.92
C ALA A 151 -28.76 14.95 11.22
N ASP A 152 -29.87 15.60 11.46
CA ASP A 152 -30.08 16.94 10.95
C ASP A 152 -29.70 17.08 9.51
N GLY A 153 -30.23 16.25 8.65
CA GLY A 153 -29.97 16.42 7.24
C GLY A 153 -28.71 15.75 6.67
N LEU A 154 -28.00 15.01 7.49
CA LEU A 154 -26.98 14.12 6.96
C LEU A 154 -27.70 12.82 6.69
N CYS A 155 -27.07 11.93 5.93
CA CYS A 155 -27.67 10.62 5.66
C CYS A 155 -27.97 9.83 6.91
N HIS A 156 -27.08 9.86 7.88
CA HIS A 156 -27.26 9.10 9.11
C HIS A 156 -26.57 9.86 10.21
N ARG A 157 -27.07 9.70 11.44
CA ARG A 157 -26.40 10.21 12.60
C ARG A 157 -24.97 9.61 12.70
N LEU A 158 -23.99 10.39 13.19
CA LEU A 158 -22.63 9.85 13.40
C LEU A 158 -22.64 8.85 14.57
N THR A 159 -22.34 7.57 14.30
CA THR A 159 -22.44 6.52 15.37
C THR A 159 -21.10 6.00 15.86
N THR A 160 -20.25 5.54 14.95
CA THR A 160 -19.00 4.88 15.35
C THR A 160 -17.83 5.46 14.58
N VAL A 161 -16.73 5.69 15.29
CA VAL A 161 -15.51 6.17 14.68
C VAL A 161 -14.93 5.09 13.76
N CYS A 162 -14.53 5.47 12.57
CA CYS A 162 -13.97 4.54 11.64
C CYS A 162 -12.70 3.94 12.25
N PRO A 163 -12.66 2.58 12.36
CA PRO A 163 -11.51 1.89 12.87
C PRO A 163 -10.43 1.84 11.84
N THR A 164 -9.21 1.81 12.33
CA THR A 164 -8.09 1.63 11.42
C THR A 164 -7.07 0.68 12.03
N SER A 165 -6.11 0.23 11.22
CA SER A 165 -4.97 -0.54 11.77
C SER A 165 -3.76 0.39 12.15
N LYS A 166 -2.92 -0.09 13.07
CA LYS A 166 -1.72 0.64 13.53
C LYS A 166 -0.87 0.85 12.33
N PRO A 167 -0.26 2.04 12.22
CA PRO A 167 0.64 2.31 11.15
C PRO A 167 1.96 1.65 11.41
N GLN A 168 2.75 1.52 10.36
CA GLN A 168 4.02 0.91 10.51
C GLN A 168 4.96 1.92 11.07
N THR A 169 5.85 1.47 11.97
CA THR A 169 6.89 2.33 12.53
C THR A 169 7.97 2.48 11.47
N GLN A 170 8.82 3.49 11.57
CA GLN A 170 9.96 3.59 10.63
C GLN A 170 11.16 2.79 11.14
N GLY A 171 11.31 1.57 10.61
CA GLY A 171 12.32 0.63 11.07
C GLY A 171 11.71 -0.17 12.21
N LEU A 172 12.45 -1.15 12.67
CA LEU A 172 11.97 -2.00 13.77
C LEU A 172 12.21 -1.31 15.10
N ALA A 173 13.21 -0.46 15.14
CA ALA A 173 13.58 0.23 16.36
C ALA A 173 14.58 1.32 15.97
N LYS A 174 14.86 2.20 16.93
CA LYS A 174 15.69 3.35 16.68
C LYS A 174 17.06 2.92 16.29
N ASP A 175 17.50 3.37 15.12
CA ASP A 175 18.84 3.05 14.60
C ASP A 175 19.02 1.60 14.12
N ALA A 176 17.97 0.81 14.11
CA ALA A 176 18.12 -0.55 13.66
C ALA A 176 18.02 -0.60 12.16
N TRP A 177 19.08 -1.07 11.52
CA TRP A 177 19.07 -1.28 10.09
C TRP A 177 19.82 -2.52 9.69
N GLU A 178 21.13 -2.54 9.85
CA GLU A 178 21.90 -3.73 9.59
C GLU A 178 21.91 -4.46 10.90
N ILE A 179 21.17 -5.55 10.97
CA ILE A 179 20.92 -6.17 12.25
C ILE A 179 21.69 -7.47 12.32
N PRO A 180 21.92 -7.95 13.54
CA PRO A 180 22.65 -9.20 13.61
C PRO A 180 21.76 -10.40 13.20
N ARG A 181 22.39 -11.41 12.56
CA ARG A 181 21.69 -12.63 12.14
C ARG A 181 20.94 -13.27 13.28
N GLU A 182 21.53 -13.30 14.47
CA GLU A 182 20.93 -14.05 15.58
C GLU A 182 19.67 -13.39 16.17
N SER A 183 19.38 -12.13 15.80
CA SER A 183 18.13 -11.49 16.25
C SER A 183 16.86 -12.04 15.57
N LEU A 184 17.00 -12.92 14.56
CA LEU A 184 15.83 -13.46 13.82
C LEU A 184 15.63 -14.95 14.11
N ARG A 185 14.40 -15.28 14.41
CA ARG A 185 14.01 -16.64 14.48
C ARG A 185 13.06 -16.97 13.28
N LEU A 186 13.42 -17.95 12.46
CA LEU A 186 12.60 -18.44 11.37
C LEU A 186 11.62 -19.45 11.90
N GLU A 187 10.35 -19.27 11.61
CA GLU A 187 9.32 -20.15 12.13
C GLU A 187 8.54 -20.91 11.09
N VAL A 188 7.84 -20.22 10.20
CA VAL A 188 7.05 -20.94 9.18
C VAL A 188 7.52 -20.58 7.76
N LYS A 189 7.73 -21.58 6.96
CA LYS A 189 8.20 -21.35 5.62
C LYS A 189 7.03 -20.91 4.77
N LEU A 190 7.16 -19.73 4.13
CA LEU A 190 6.02 -19.18 3.39
C LEU A 190 6.14 -19.49 1.92
N GLY A 191 7.36 -19.47 1.42
CA GLY A 191 7.57 -19.68 0.02
C GLY A 191 9.02 -19.95 -0.36
N GLN A 192 9.18 -20.40 -1.58
CA GLN A 192 10.45 -20.80 -2.08
C GLN A 192 10.55 -20.17 -3.47
N GLY A 193 11.71 -19.60 -3.80
CA GLY A 193 11.91 -18.90 -5.06
C GLY A 193 13.13 -19.44 -5.80
N CYS A 194 13.50 -18.75 -6.88
CA CYS A 194 14.65 -19.18 -7.70
C CYS A 194 15.96 -18.89 -6.99
N PHE A 195 15.94 -17.87 -6.14
CA PHE A 195 17.15 -17.45 -5.46
C PHE A 195 17.10 -17.53 -3.98
N GLY A 196 16.02 -18.09 -3.40
CA GLY A 196 15.90 -18.13 -1.94
C GLY A 196 14.55 -18.43 -1.37
N GLU A 197 14.37 -18.17 -0.07
CA GLU A 197 13.10 -18.50 0.54
C GLU A 197 12.50 -17.33 1.29
N VAL A 198 11.23 -17.45 1.64
CA VAL A 198 10.57 -16.47 2.48
C VAL A 198 10.01 -17.21 3.71
N TRP A 199 10.21 -16.61 4.89
CA TRP A 199 9.80 -17.20 6.14
C TRP A 199 9.04 -16.23 7.00
N MET A 200 8.04 -16.70 7.69
CA MET A 200 7.48 -15.90 8.78
C MET A 200 8.39 -16.07 10.00
N GLY A 201 8.64 -15.00 10.77
CA GLY A 201 9.61 -15.09 11.84
C GLY A 201 9.38 -14.06 12.93
N THR A 202 10.36 -13.95 13.82
CA THR A 202 10.33 -12.97 14.92
C THR A 202 11.66 -12.27 15.01
N TRP A 203 11.63 -10.96 15.17
CA TRP A 203 12.84 -10.20 15.40
C TRP A 203 12.92 -9.88 16.87
N ASN A 204 14.13 -10.12 17.45
CA ASN A 204 14.42 -9.80 18.84
C ASN A 204 13.54 -10.49 19.90
N GLY A 205 12.90 -11.60 19.56
CA GLY A 205 12.01 -12.29 20.47
C GLY A 205 10.69 -11.60 20.60
N THR A 206 10.46 -10.48 19.93
CA THR A 206 9.21 -9.70 20.12
C THR A 206 8.30 -9.47 18.90
N THR A 207 8.88 -9.19 17.75
CA THR A 207 8.15 -8.59 16.65
C THR A 207 8.00 -9.54 15.48
N ARG A 208 6.77 -9.67 15.02
CA ARG A 208 6.45 -10.54 13.93
C ARG A 208 6.96 -9.84 12.67
N VAL A 209 7.77 -10.56 11.87
CA VAL A 209 8.29 -10.07 10.62
C VAL A 209 8.27 -11.15 9.54
N ALA A 210 8.59 -10.78 8.32
CA ALA A 210 8.82 -11.78 7.30
C ALA A 210 10.25 -11.68 6.95
N ILE A 211 10.85 -12.81 6.60
CA ILE A 211 12.28 -12.83 6.29
C ILE A 211 12.49 -13.49 4.95
N LYS A 212 13.12 -12.78 4.02
CA LYS A 212 13.50 -13.35 2.77
C LYS A 212 15.02 -13.64 2.76
N THR A 213 15.37 -14.87 2.42
CA THR A 213 16.80 -15.26 2.38
C THR A 213 17.22 -15.39 0.94
N LEU A 214 18.49 -15.02 0.64
CA LEU A 214 19.07 -15.19 -0.70
C LEU A 214 20.18 -16.20 -0.67
N LYS A 215 20.14 -17.15 -1.59
CA LYS A 215 21.25 -18.09 -1.79
C LYS A 215 22.59 -17.39 -1.90
N PRO A 216 23.63 -17.99 -1.30
CA PRO A 216 24.95 -17.44 -1.40
C PRO A 216 25.40 -17.55 -2.82
N GLY A 217 25.98 -16.46 -3.35
CA GLY A 217 26.32 -16.43 -4.78
C GLY A 217 25.23 -15.77 -5.64
N THR A 218 24.21 -15.16 -5.02
CA THR A 218 23.16 -14.50 -5.79
C THR A 218 23.56 -13.13 -6.24
N MET A 219 24.11 -12.37 -5.31
CA MET A 219 24.53 -10.96 -5.54
C MET A 219 25.58 -10.61 -4.50
N SER A 220 26.41 -9.60 -4.75
CA SER A 220 27.39 -9.21 -3.73
C SER A 220 26.72 -8.39 -2.65
N PRO A 221 27.19 -8.61 -1.41
CA PRO A 221 26.67 -7.89 -0.25
C PRO A 221 26.96 -6.40 -0.34
N GLU A 222 28.07 -6.07 -1.01
CA GLU A 222 28.44 -4.69 -1.18
C GLU A 222 27.41 -4.00 -2.14
N ALA A 223 27.13 -4.64 -3.27
CA ALA A 223 26.11 -4.12 -4.18
C ALA A 223 24.74 -4.17 -3.54
N PHE A 224 24.43 -5.25 -2.82
CA PHE A 224 23.14 -5.39 -2.16
C PHE A 224 22.91 -4.28 -1.16
N LEU A 225 23.95 -3.97 -0.40
CA LEU A 225 23.93 -2.92 0.62
C LEU A 225 23.70 -1.48 0.10
N GLN A 226 24.35 -1.13 -1.02
CA GLN A 226 24.21 0.20 -1.66
C GLN A 226 22.75 0.36 -2.14
N GLU A 227 22.22 -0.70 -2.73
CA GLU A 227 20.86 -0.71 -3.24
C GLU A 227 19.83 -0.64 -2.12
N ALA A 228 20.07 -1.37 -1.03
CA ALA A 228 19.15 -1.38 0.10
C ALA A 228 19.01 0.00 0.68
N GLN A 229 20.03 0.83 0.52
CA GLN A 229 19.96 2.23 0.95
C GLN A 229 18.96 3.00 0.16
N VAL A 230 18.90 2.69 -1.13
CA VAL A 230 17.93 3.32 -2.04
C VAL A 230 16.53 2.80 -1.68
N MET A 231 16.42 1.49 -1.40
CA MET A 231 15.12 0.86 -1.13
C MET A 231 14.49 1.33 0.17
N LYS A 232 15.30 1.56 1.20
CA LYS A 232 14.74 2.04 2.43
C LYS A 232 14.27 3.47 2.31
N LYS A 233 14.66 4.16 1.26
CA LYS A 233 14.14 5.52 1.10
C LYS A 233 12.77 5.56 0.46
N LEU A 234 12.27 4.44 -0.07
CA LEU A 234 10.98 4.43 -0.76
C LEU A 234 9.83 4.15 0.20
N ARG A 235 9.04 5.16 0.52
CA ARG A 235 7.96 4.98 1.50
C ARG A 235 6.61 5.35 0.93
N HIS A 236 5.71 4.37 0.87
CA HIS A 236 4.40 4.57 0.23
C HIS A 236 3.47 3.50 0.73
N GLU A 237 2.22 3.90 0.98
CA GLU A 237 1.20 2.95 1.48
C GLU A 237 1.07 1.69 0.55
N LYS A 238 1.33 1.86 -0.77
CA LYS A 238 1.22 0.74 -1.71
C LYS A 238 2.54 0.05 -2.04
N LEU A 239 3.58 0.30 -1.23
CA LEU A 239 4.84 -0.47 -1.29
C LEU A 239 5.13 -1.24 -0.03
N VAL A 240 5.50 -2.53 -0.16
CA VAL A 240 5.94 -3.32 0.96
C VAL A 240 7.17 -2.69 1.65
N GLN A 241 7.05 -2.15 2.88
CA GLN A 241 8.24 -1.55 3.58
C GLN A 241 9.35 -2.54 3.93
N LEU A 242 10.58 -2.26 3.49
CA LEU A 242 11.72 -3.08 3.87
C LEU A 242 12.23 -2.56 5.27
N TYR A 243 12.18 -3.42 6.30
CA TYR A 243 12.49 -3.11 7.72
C TYR A 243 14.02 -3.11 8.06
N ALA A 244 14.74 -4.11 7.60
CA ALA A 244 16.11 -4.27 8.03
C ALA A 244 16.74 -5.31 7.17
N VAL A 245 18.06 -5.39 7.24
CA VAL A 245 18.84 -6.35 6.47
C VAL A 245 19.94 -7.01 7.30
N VAL A 246 20.42 -8.15 6.82
CA VAL A 246 21.66 -8.74 7.20
C VAL A 246 22.48 -8.86 5.90
N SER A 247 23.50 -8.03 5.75
CA SER A 247 24.20 -7.89 4.47
C SER A 247 25.14 -9.07 4.13
N GLU A 248 25.72 -9.73 5.13
CA GLU A 248 26.62 -10.85 4.87
C GLU A 248 25.82 -12.08 4.38
N GLU A 249 26.39 -12.81 3.43
CA GLU A 249 25.77 -13.98 2.91
C GLU A 249 25.70 -15.07 3.96
N PRO A 250 24.60 -15.84 4.00
CA PRO A 250 23.35 -15.67 3.22
C PRO A 250 22.57 -14.43 3.64
N ILE A 251 22.32 -13.58 2.65
CA ILE A 251 21.63 -12.32 2.88
C ILE A 251 20.19 -12.49 3.41
N TYR A 252 19.80 -11.66 4.38
CA TYR A 252 18.43 -11.61 4.85
C TYR A 252 17.82 -10.25 4.54
N ILE A 253 16.55 -10.27 4.14
CA ILE A 253 15.80 -9.04 3.97
C ILE A 253 14.60 -9.18 4.85
N VAL A 254 14.46 -8.25 5.79
CA VAL A 254 13.38 -8.33 6.74
C VAL A 254 12.32 -7.28 6.38
N GLY A 255 11.04 -7.69 6.39
CA GLY A 255 9.98 -6.80 5.93
C GLY A 255 8.71 -7.08 6.64
N GLU A 256 7.70 -6.24 6.41
CA GLU A 256 6.41 -6.50 7.03
C GLU A 256 5.84 -7.85 6.59
N TYR A 257 5.27 -8.57 7.56
CA TYR A 257 4.59 -9.84 7.26
C TYR A 257 3.14 -9.63 6.74
N MET A 258 2.89 -10.04 5.50
CA MET A 258 1.56 -9.83 4.90
C MET A 258 0.89 -11.20 4.95
N SER A 259 0.03 -11.38 5.94
CA SER A 259 -0.57 -12.69 6.23
C SER A 259 -1.35 -13.28 5.02
N LYS A 260 -1.99 -12.47 4.21
CA LYS A 260 -2.84 -13.00 3.12
C LYS A 260 -2.03 -13.51 1.91
N GLY A 261 -0.71 -13.32 1.91
CA GLY A 261 0.13 -13.85 0.89
C GLY A 261 0.10 -13.04 -0.45
N SER A 262 0.58 -13.67 -1.52
CA SER A 262 0.76 -13.00 -2.79
C SER A 262 -0.57 -12.85 -3.52
N LEU A 263 -0.64 -11.88 -4.40
CA LEU A 263 -1.83 -11.64 -5.22
C LEU A 263 -2.08 -12.84 -6.11
N LEU A 264 -1.01 -13.42 -6.63
CA LEU A 264 -1.13 -14.54 -7.51
C LEU A 264 -1.92 -15.69 -6.84
N ASP A 265 -1.54 -16.07 -5.61
CA ASP A 265 -2.20 -17.20 -4.93
C ASP A 265 -3.58 -16.80 -4.49
N PHE A 266 -3.76 -15.59 -4.00
CA PHE A 266 -5.06 -15.08 -3.70
C PHE A 266 -5.97 -15.11 -4.96
N LEU A 267 -5.40 -15.07 -6.17
CA LEU A 267 -6.22 -14.98 -7.35
C LEU A 267 -6.68 -16.37 -7.73
N LYS A 268 -5.79 -17.33 -7.51
CA LYS A 268 -6.00 -18.73 -7.85
C LYS A 268 -6.83 -19.44 -6.78
N GLY A 269 -6.96 -18.81 -5.63
CA GLY A 269 -7.59 -19.42 -4.49
C GLY A 269 -9.09 -19.64 -4.60
N GLU A 270 -9.58 -20.38 -3.60
CA GLU A 270 -10.96 -20.32 -3.24
CA GLU A 270 -10.97 -20.32 -3.21
C GLU A 270 -11.21 -18.84 -2.91
N THR A 271 -10.16 -18.18 -2.42
CA THR A 271 -10.25 -16.73 -2.24
C THR A 271 -10.56 -15.91 -3.50
N GLY A 272 -10.15 -16.39 -4.67
CA GLY A 272 -10.32 -15.65 -5.89
C GLY A 272 -11.49 -16.07 -6.74
N LYS A 273 -12.04 -17.26 -6.51
CA LYS A 273 -13.10 -17.80 -7.38
C LYS A 273 -14.29 -16.86 -7.65
N TYR A 274 -14.67 -16.02 -6.66
CA TYR A 274 -15.87 -15.15 -6.73
C TYR A 274 -15.59 -13.64 -6.64
N LEU A 275 -14.35 -13.25 -6.92
CA LEU A 275 -13.99 -11.87 -7.00
C LEU A 275 -14.61 -11.31 -8.26
N ARG A 276 -15.26 -10.15 -8.12
CA ARG A 276 -15.96 -9.53 -9.20
C ARG A 276 -15.03 -8.47 -9.84
N LEU A 277 -15.45 -7.96 -10.99
CA LEU A 277 -14.69 -6.97 -11.73
C LEU A 277 -14.29 -5.76 -10.91
N PRO A 278 -15.26 -5.15 -10.19
CA PRO A 278 -14.98 -3.94 -9.43
C PRO A 278 -13.82 -4.09 -8.47
N GLN A 279 -13.68 -5.24 -7.86
CA GLN A 279 -12.56 -5.55 -6.97
C GLN A 279 -11.26 -5.80 -7.69
N LEU A 280 -11.32 -6.50 -8.81
CA LEU A 280 -10.10 -6.72 -9.62
C LEU A 280 -9.56 -5.38 -10.07
N VAL A 281 -10.46 -4.48 -10.50
CA VAL A 281 -10.04 -3.18 -10.99
C VAL A 281 -9.44 -2.36 -9.86
N ASP A 282 -10.01 -2.46 -8.66
CA ASP A 282 -9.50 -1.69 -7.52
C ASP A 282 -8.09 -2.20 -7.09
N MET A 283 -7.91 -3.49 -7.08
CA MET A 283 -6.56 -3.98 -6.84
C MET A 283 -5.54 -3.47 -7.94
N ALA A 284 -5.97 -3.41 -9.20
CA ALA A 284 -5.14 -2.95 -10.29
C ALA A 284 -4.80 -1.51 -10.04
N ALA A 285 -5.80 -0.77 -9.55
CA ALA A 285 -5.66 0.67 -9.31
C ALA A 285 -4.59 0.96 -8.21
N GLN A 286 -4.50 0.10 -7.24
CA GLN A 286 -3.59 0.30 -6.10
C GLN A 286 -2.17 0.02 -6.53
N ILE A 287 -1.99 -1.11 -7.18
CA ILE A 287 -0.73 -1.46 -7.79
C ILE A 287 -0.22 -0.34 -8.72
N ALA A 288 -1.10 0.26 -9.51
CA ALA A 288 -0.71 1.37 -10.33
C ALA A 288 -0.35 2.56 -9.50
N SER A 289 -0.98 2.65 -8.33
CA SER A 289 -0.66 3.74 -7.44
C SER A 289 0.77 3.56 -6.86
N GLY A 290 1.08 2.35 -6.44
CA GLY A 290 2.42 2.07 -5.95
C GLY A 290 3.44 2.32 -7.05
N MET A 291 3.10 1.90 -8.25
CA MET A 291 4.02 2.04 -9.33
C MET A 291 4.15 3.50 -9.81
N ALA A 292 3.10 4.30 -9.61
CA ALA A 292 3.12 5.69 -9.93
C ALA A 292 4.13 6.45 -8.97
N TYR A 293 4.21 5.98 -7.74
CA TYR A 293 5.18 6.50 -6.81
C TYR A 293 6.58 6.12 -7.27
N VAL A 294 6.80 4.85 -7.55
CA VAL A 294 8.05 4.40 -8.18
C VAL A 294 8.42 5.30 -9.35
N GLU A 295 7.40 5.62 -10.16
CA GLU A 295 7.55 6.45 -11.30
C GLU A 295 7.95 7.92 -10.91
N ARG A 296 7.34 8.48 -9.86
CA ARG A 296 7.70 9.85 -9.42
C ARG A 296 9.11 9.86 -8.84
N MET A 297 9.52 8.79 -8.18
CA MET A 297 10.88 8.67 -7.65
C MET A 297 11.95 8.26 -8.69
N ASN A 298 11.57 8.16 -9.97
CA ASN A 298 12.52 7.81 -11.02
C ASN A 298 13.22 6.49 -10.73
N TYR A 299 12.50 5.58 -10.13
CA TYR A 299 13.03 4.26 -9.85
C TYR A 299 12.42 3.28 -10.90
N VAL A 300 12.93 2.04 -10.95
CA VAL A 300 12.41 1.05 -11.84
C VAL A 300 12.29 -0.23 -11.04
N HIS A 301 11.13 -0.88 -11.15
CA HIS A 301 10.88 -2.12 -10.39
C HIS A 301 11.61 -3.28 -10.91
N ARG A 302 11.47 -3.44 -12.20
CA ARG A 302 12.15 -4.49 -12.91
CA ARG A 302 12.13 -4.46 -12.94
C ARG A 302 11.61 -5.88 -12.77
N ASP A 303 10.69 -6.19 -11.83
CA ASP A 303 10.20 -7.57 -11.79
C ASP A 303 8.72 -7.56 -11.39
N LEU A 304 7.90 -6.79 -12.09
CA LEU A 304 6.56 -6.59 -11.65
C LEU A 304 5.68 -7.71 -12.24
N ARG A 305 4.96 -8.40 -11.34
CA ARG A 305 4.07 -9.48 -11.69
C ARG A 305 3.23 -9.85 -10.46
N ALA A 306 2.16 -10.64 -10.67
CA ALA A 306 1.19 -10.92 -9.59
C ALA A 306 1.87 -11.61 -8.44
N ALA A 307 2.92 -12.38 -8.69
CA ALA A 307 3.70 -13.03 -7.66
C ALA A 307 4.39 -12.05 -6.73
N ASN A 308 4.79 -10.90 -7.23
CA ASN A 308 5.44 -9.89 -6.42
C ASN A 308 4.50 -8.75 -5.94
N ILE A 309 3.19 -9.06 -5.88
CA ILE A 309 2.26 -8.17 -5.21
C ILE A 309 1.74 -8.90 -3.94
N LEU A 310 1.68 -8.19 -2.82
CA LEU A 310 1.18 -8.81 -1.60
C LEU A 310 -0.14 -8.21 -1.14
N VAL A 311 -1.00 -9.09 -0.59
CA VAL A 311 -2.35 -8.68 -0.22
C VAL A 311 -2.49 -8.52 1.29
N GLY A 312 -3.19 -7.47 1.72
CA GLY A 312 -3.58 -7.27 3.14
C GLY A 312 -5.08 -7.18 3.32
N GLU A 313 -5.52 -6.50 4.38
CA GLU A 313 -6.92 -6.52 4.75
C GLU A 313 -7.67 -5.45 3.98
N ASN A 314 -8.93 -5.69 3.70
CA ASN A 314 -9.68 -4.77 2.82
C ASN A 314 -9.22 -4.75 1.36
N LEU A 315 -8.63 -5.87 0.91
CA LEU A 315 -8.13 -6.01 -0.49
C LEU A 315 -7.00 -5.04 -0.76
N VAL A 316 -6.23 -4.76 0.30
CA VAL A 316 -5.02 -3.94 0.14
C VAL A 316 -3.95 -4.71 -0.67
N CYS A 317 -3.34 -4.05 -1.64
CA CYS A 317 -2.28 -4.67 -2.44
C CYS A 317 -1.05 -3.82 -2.36
N LYS A 318 0.12 -4.45 -2.20
CA LYS A 318 1.34 -3.68 -2.11
C LYS A 318 2.40 -4.30 -3.04
N VAL A 319 3.12 -3.42 -3.72
CA VAL A 319 4.22 -3.80 -4.60
C VAL A 319 5.46 -4.27 -3.77
N ALA A 320 5.97 -5.45 -4.08
CA ALA A 320 7.08 -6.01 -3.33
C ALA A 320 8.22 -6.36 -4.27
N ASP A 321 9.43 -6.60 -3.70
CA ASP A 321 10.61 -7.07 -4.47
C ASP A 321 11.16 -6.12 -5.53
N PHE A 322 11.00 -4.83 -5.30
CA PHE A 322 11.40 -3.81 -6.26
C PHE A 322 12.89 -3.62 -6.25
N GLY A 323 13.48 -3.61 -7.44
CA GLY A 323 14.85 -3.16 -7.62
C GLY A 323 15.85 -4.29 -7.48
N LEU A 324 15.51 -5.29 -6.67
CA LEU A 324 16.39 -6.39 -6.36
C LEU A 324 16.90 -7.11 -7.60
N ALA A 325 16.05 -7.26 -8.62
CA ALA A 325 16.33 -8.06 -9.80
C ALA A 325 17.58 -7.58 -10.49
N ARG A 326 17.83 -6.28 -10.39
CA ARG A 326 18.98 -5.70 -11.06
C ARG A 326 20.28 -6.30 -10.54
N LEU A 327 20.27 -6.78 -9.30
CA LEU A 327 21.48 -7.21 -8.65
C LEU A 327 21.81 -8.69 -8.87
N ILE A 328 20.90 -9.44 -9.48
CA ILE A 328 21.10 -10.84 -9.74
C ILE A 328 22.30 -10.98 -10.66
N GLU A 329 23.26 -11.78 -10.24
CA GLU A 329 24.55 -11.91 -10.91
C GLU A 329 24.59 -13.13 -11.84
N ASP A 330 23.68 -14.07 -11.60
CA ASP A 330 23.59 -15.26 -12.43
C ASP A 330 23.78 -14.87 -13.88
N ASN A 331 24.71 -15.57 -14.53
CA ASN A 331 24.98 -15.44 -16.00
C ASN A 331 23.76 -15.39 -16.94
N GLU A 332 22.98 -16.48 -16.97
CA GLU A 332 21.78 -16.53 -17.77
C GLU A 332 20.79 -15.38 -17.49
N TYR A 333 20.51 -15.13 -16.21
CA TYR A 333 19.57 -14.10 -15.81
C TYR A 333 19.96 -12.69 -16.31
N THR A 334 21.19 -12.26 -16.09
CA THR A 334 21.69 -11.00 -16.65
C THR A 334 21.50 -10.92 -18.17
N ALA A 335 21.64 -12.04 -18.85
CA ALA A 335 21.37 -12.07 -20.30
C ALA A 335 19.87 -12.13 -20.63
N ARG A 336 18.99 -12.00 -19.63
CA ARG A 336 17.52 -12.13 -19.79
C ARG A 336 17.10 -13.46 -20.34
N GLN A 337 17.73 -14.54 -19.84
CA GLN A 337 17.45 -15.91 -20.31
C GLN A 337 17.47 -16.92 -19.21
N GLY A 338 17.02 -18.13 -19.49
CA GLY A 338 17.10 -19.21 -18.51
C GLY A 338 15.79 -19.41 -17.77
N ALA A 339 15.66 -20.56 -17.10
CA ALA A 339 14.38 -20.93 -16.46
C ALA A 339 14.02 -20.09 -15.20
N LYS A 340 14.85 -19.10 -14.89
CA LYS A 340 14.60 -18.22 -13.75
C LYS A 340 14.21 -16.78 -14.13
N PHE A 341 14.39 -16.44 -15.39
CA PHE A 341 14.07 -15.11 -15.86
C PHE A 341 12.59 -15.03 -16.30
N PRO A 342 11.84 -14.03 -15.79
CA PRO A 342 10.37 -13.88 -16.09
C PRO A 342 10.10 -13.25 -17.47
N ILE A 343 10.40 -14.01 -18.53
CA ILE A 343 10.38 -13.43 -19.88
C ILE A 343 8.97 -13.06 -20.28
N LYS A 344 7.98 -13.75 -19.68
CA LYS A 344 6.60 -13.54 -20.10
C LYS A 344 6.06 -12.21 -19.64
N TRP A 345 6.74 -11.58 -18.68
CA TRP A 345 6.39 -10.23 -18.19
C TRP A 345 7.32 -9.16 -18.72
N THR A 346 8.34 -9.54 -19.47
CA THR A 346 9.39 -8.60 -19.85
C THR A 346 9.14 -7.94 -21.24
N ALA A 347 9.17 -6.61 -21.26
CA ALA A 347 8.99 -5.86 -22.51
C ALA A 347 10.09 -6.30 -23.48
N PRO A 348 9.81 -6.34 -24.80
CA PRO A 348 10.77 -6.80 -25.80
C PRO A 348 12.13 -6.05 -25.77
N GLU A 349 12.12 -4.73 -25.66
CA GLU A 349 13.41 -3.98 -25.61
C GLU A 349 14.22 -4.27 -24.34
N ALA A 350 13.54 -4.59 -23.23
CA ALA A 350 14.26 -4.93 -22.01
C ALA A 350 14.95 -6.27 -22.14
N ALA A 351 14.29 -7.22 -22.80
CA ALA A 351 14.82 -8.57 -23.00
C ALA A 351 15.91 -8.62 -24.08
N LEU A 352 15.77 -7.74 -25.07
CA LEU A 352 16.68 -7.78 -26.18
C LEU A 352 17.88 -6.94 -25.94
N TYR A 353 17.73 -5.77 -25.31
CA TYR A 353 18.82 -4.84 -25.21
C TYR A 353 19.20 -4.54 -23.78
N GLY A 354 18.64 -5.32 -22.83
CA GLY A 354 18.75 -4.97 -21.41
C GLY A 354 18.32 -3.57 -21.09
N ARG A 355 17.41 -3.00 -21.88
CA ARG A 355 16.87 -1.66 -21.61
C ARG A 355 15.68 -1.67 -20.61
N PHE A 356 15.96 -1.75 -19.30
CA PHE A 356 14.92 -1.66 -18.28
C PHE A 356 14.55 -0.24 -17.89
N THR A 357 13.29 0.18 -18.05
CA THR A 357 12.84 1.48 -17.66
C THR A 357 11.45 1.43 -16.99
N ILE A 358 10.93 2.57 -16.53
CA ILE A 358 9.59 2.61 -16.01
C ILE A 358 8.62 2.15 -17.12
N LYS A 359 9.01 2.34 -18.37
CA LYS A 359 8.16 1.98 -19.48
C LYS A 359 8.16 0.46 -19.72
N SER A 360 9.27 -0.22 -19.38
CA SER A 360 9.20 -1.62 -19.50
C SER A 360 8.42 -2.25 -18.29
N ASP A 361 8.25 -1.45 -17.23
CA ASP A 361 7.44 -1.84 -16.08
C ASP A 361 5.99 -1.69 -16.47
N VAL A 362 5.69 -0.67 -17.27
CA VAL A 362 4.32 -0.42 -17.73
C VAL A 362 3.88 -1.63 -18.54
N TRP A 363 4.79 -2.14 -19.36
CA TRP A 363 4.52 -3.37 -20.13
C TRP A 363 4.21 -4.55 -19.20
N SER A 364 5.03 -4.76 -18.16
CA SER A 364 4.78 -5.80 -17.14
C SER A 364 3.44 -5.63 -16.46
N PHE A 365 3.04 -4.39 -16.19
CA PHE A 365 1.72 -4.10 -15.66
C PHE A 365 0.60 -4.58 -16.58
N GLY A 366 0.78 -4.42 -17.88
CA GLY A 366 -0.21 -4.91 -18.87
C GLY A 366 -0.37 -6.44 -18.69
N ILE A 367 0.76 -7.12 -18.47
CA ILE A 367 0.77 -8.56 -18.34
C ILE A 367 0.07 -8.95 -17.07
N LEU A 368 0.32 -8.18 -16.04
CA LEU A 368 -0.25 -8.39 -14.72
C LEU A 368 -1.78 -8.17 -14.81
N LEU A 369 -2.21 -7.29 -15.69
CA LEU A 369 -3.61 -7.13 -15.88
C LEU A 369 -4.27 -8.38 -16.36
N THR A 370 -3.58 -9.15 -17.20
CA THR A 370 -4.18 -10.36 -17.71
C THR A 370 -4.20 -11.43 -16.61
N GLU A 371 -3.21 -11.41 -15.72
CA GLU A 371 -3.32 -12.26 -14.50
C GLU A 371 -4.56 -11.91 -13.65
N LEU A 372 -4.86 -10.62 -13.48
CA LEU A 372 -5.98 -10.21 -12.60
C LEU A 372 -7.32 -10.63 -13.14
N THR A 373 -7.43 -10.70 -14.47
CA THR A 373 -8.68 -11.00 -15.10
C THR A 373 -8.76 -12.45 -15.54
N THR A 374 -7.81 -13.28 -15.14
CA THR A 374 -7.85 -14.70 -15.51
C THR A 374 -7.53 -15.58 -14.30
N LYS A 375 -7.84 -15.10 -13.09
CA LYS A 375 -7.53 -15.89 -11.87
C LYS A 375 -6.09 -16.42 -11.85
N GLY A 376 -5.11 -15.58 -12.22
CA GLY A 376 -3.72 -15.92 -11.97
C GLY A 376 -3.24 -16.93 -12.97
N ARG A 377 -3.98 -17.11 -14.05
CA ARG A 377 -3.52 -17.92 -15.17
C ARG A 377 -2.20 -17.41 -15.74
N VAL A 378 -1.30 -18.33 -16.05
CA VAL A 378 -0.02 -18.06 -16.68
C VAL A 378 -0.21 -17.33 -18.00
N PRO A 379 0.53 -16.23 -18.23
CA PRO A 379 0.44 -15.50 -19.52
C PRO A 379 0.87 -16.39 -20.66
N TYR A 380 0.43 -16.03 -21.86
CA TYR A 380 0.76 -16.77 -23.08
C TYR A 380 0.58 -18.27 -22.90
N PRO A 381 -0.66 -18.69 -22.67
CA PRO A 381 -0.97 -20.06 -22.24
C PRO A 381 -0.42 -21.16 -23.16
N GLY A 382 -0.51 -21.01 -24.48
CA GLY A 382 0.09 -22.04 -25.32
C GLY A 382 1.55 -21.93 -25.71
N MET A 383 2.39 -21.23 -24.95
CA MET A 383 3.76 -20.99 -25.38
C MET A 383 4.66 -21.31 -24.23
N VAL A 384 5.84 -21.81 -24.52
CA VAL A 384 6.91 -21.90 -23.53
C VAL A 384 7.84 -20.66 -23.52
N ASN A 385 8.56 -20.47 -22.41
CA ASN A 385 9.36 -19.28 -22.25
C ASN A 385 10.21 -18.98 -23.44
N ARG A 386 10.83 -20.01 -24.01
CA ARG A 386 11.88 -19.82 -24.98
C ARG A 386 11.33 -19.46 -26.35
N GLU A 387 9.99 -19.49 -26.51
CA GLU A 387 9.36 -19.07 -27.76
C GLU A 387 8.50 -17.75 -27.70
N VAL A 388 8.26 -17.22 -26.47
CA VAL A 388 7.59 -15.96 -26.25
C VAL A 388 8.28 -14.70 -26.86
N LEU A 389 9.56 -14.49 -26.56
CA LEU A 389 10.20 -13.27 -26.99
C LEU A 389 10.11 -13.07 -28.55
N ASP A 390 10.36 -14.13 -29.29
CA ASP A 390 10.28 -14.05 -30.73
C ASP A 390 8.86 -13.80 -31.27
N GLN A 391 7.87 -14.34 -30.60
CA GLN A 391 6.50 -14.05 -30.95
C GLN A 391 6.13 -12.58 -30.72
N VAL A 392 6.54 -12.07 -29.56
CA VAL A 392 6.22 -10.76 -29.16
C VAL A 392 6.90 -9.75 -30.06
N GLU A 393 8.11 -10.11 -30.45
CA GLU A 393 8.93 -9.31 -31.34
C GLU A 393 8.21 -9.14 -32.72
N ARG A 394 7.68 -10.23 -33.23
CA ARG A 394 6.92 -10.21 -34.47
C ARG A 394 5.55 -9.58 -34.31
N GLY A 395 5.26 -9.04 -33.11
CA GLY A 395 4.01 -8.27 -32.89
C GLY A 395 2.84 -9.06 -32.27
N TYR A 396 3.05 -10.34 -31.97
CA TYR A 396 2.07 -11.13 -31.23
C TYR A 396 1.69 -10.46 -29.89
N ARG A 397 0.41 -10.43 -29.58
CA ARG A 397 -0.10 -9.92 -28.29
C ARG A 397 -1.23 -10.85 -27.86
N MET A 398 -1.35 -11.09 -26.56
CA MET A 398 -2.45 -11.90 -26.02
C MET A 398 -3.74 -11.20 -26.35
N PRO A 399 -4.77 -12.01 -26.72
CA PRO A 399 -6.09 -11.54 -27.07
C PRO A 399 -6.86 -11.19 -25.80
N CYS A 400 -8.01 -10.58 -25.95
CA CYS A 400 -8.84 -10.22 -24.83
C CYS A 400 -9.21 -11.51 -24.09
N PRO A 401 -8.94 -11.53 -22.80
CA PRO A 401 -9.22 -12.70 -21.97
C PRO A 401 -10.71 -12.94 -21.91
N PRO A 402 -11.11 -14.19 -21.79
CA PRO A 402 -12.54 -14.47 -21.69
C PRO A 402 -13.10 -13.74 -20.49
N GLU A 403 -14.21 -13.08 -20.70
CA GLU A 403 -14.91 -12.39 -19.63
C GLU A 403 -14.28 -11.04 -19.29
N CYS A 404 -13.23 -10.65 -19.98
CA CYS A 404 -12.62 -9.37 -19.73
C CYS A 404 -13.20 -8.38 -20.71
N PRO A 405 -13.62 -7.23 -20.23
CA PRO A 405 -14.18 -6.23 -21.11
C PRO A 405 -13.09 -5.65 -22.04
N GLU A 406 -13.48 -5.32 -23.26
CA GLU A 406 -12.57 -4.88 -24.32
C GLU A 406 -11.83 -3.67 -23.89
N SER A 407 -12.52 -2.77 -23.21
CA SER A 407 -11.87 -1.61 -22.67
C SER A 407 -10.58 -1.88 -21.81
N LEU A 408 -10.56 -2.97 -21.06
CA LEU A 408 -9.42 -3.29 -20.23
C LEU A 408 -8.41 -4.00 -21.08
N HIS A 409 -8.89 -4.81 -22.01
CA HIS A 409 -7.95 -5.33 -23.04
C HIS A 409 -7.30 -4.21 -23.82
N ASP A 410 -8.02 -3.16 -24.15
CA ASP A 410 -7.43 -2.06 -24.89
C ASP A 410 -6.34 -1.36 -24.09
N LEU A 411 -6.59 -1.24 -22.79
CA LEU A 411 -5.64 -0.68 -21.89
C LEU A 411 -4.41 -1.53 -21.93
N MET A 412 -4.57 -2.87 -21.91
CA MET A 412 -3.44 -3.77 -21.92
C MET A 412 -2.63 -3.54 -23.21
N CYS A 413 -3.30 -3.37 -24.34
CA CYS A 413 -2.68 -3.18 -25.61
C CYS A 413 -1.87 -1.85 -25.65
N GLN A 414 -2.30 -0.84 -24.92
CA GLN A 414 -1.56 0.41 -24.81
C GLN A 414 -0.28 0.18 -24.02
N CYS A 415 -0.36 -0.67 -22.99
CA CYS A 415 0.80 -1.02 -22.20
C CYS A 415 1.81 -1.83 -23.03
N TRP A 416 1.34 -2.53 -24.10
CA TRP A 416 2.19 -3.38 -24.90
C TRP A 416 2.57 -2.76 -26.24
N ARG A 417 2.62 -1.45 -26.30
CA ARG A 417 3.07 -0.78 -27.53
C ARG A 417 4.52 -1.10 -27.78
N LYS A 418 4.84 -1.30 -29.05
CA LYS A 418 6.24 -1.52 -29.44
C LYS A 418 7.14 -0.39 -28.93
N GLU A 419 6.75 0.87 -29.12
CA GLU A 419 7.58 2.00 -28.66
C GLU A 419 7.34 2.28 -27.20
N PRO A 420 8.36 2.13 -26.36
CA PRO A 420 8.19 2.30 -24.92
C PRO A 420 7.58 3.63 -24.53
N GLU A 421 7.94 4.69 -25.21
CA GLU A 421 7.44 6.04 -24.93
C GLU A 421 5.96 6.25 -25.33
N GLU A 422 5.44 5.40 -26.19
CA GLU A 422 3.99 5.41 -26.50
C GLU A 422 3.10 4.68 -25.47
N ARG A 423 3.73 4.06 -24.50
CA ARG A 423 3.06 3.36 -23.45
C ARG A 423 2.57 4.38 -22.45
N PRO A 424 1.49 4.16 -21.77
CA PRO A 424 1.00 5.13 -20.80
C PRO A 424 1.85 5.23 -19.54
N THR A 425 1.70 6.34 -18.83
CA THR A 425 2.34 6.47 -17.55
C THR A 425 1.53 5.75 -16.45
N PHE A 426 2.22 5.36 -15.39
CA PHE A 426 1.54 4.84 -14.23
C PHE A 426 0.53 5.84 -13.66
N GLU A 427 0.87 7.14 -13.76
CA GLU A 427 -0.08 8.15 -13.29
C GLU A 427 -1.42 8.06 -14.07
N TYR A 428 -1.34 7.93 -15.40
CA TYR A 428 -2.47 7.78 -16.25
C TYR A 428 -3.27 6.48 -15.92
N LEU A 429 -2.54 5.37 -15.76
CA LEU A 429 -3.12 4.07 -15.49
C LEU A 429 -3.84 4.09 -14.16
N GLN A 430 -3.26 4.74 -13.15
CA GLN A 430 -3.90 4.86 -11.84
C GLN A 430 -5.24 5.57 -11.89
N ALA A 431 -5.28 6.74 -12.51
CA ALA A 431 -6.49 7.54 -12.68
C ALA A 431 -7.53 6.78 -13.53
N PHE A 432 -7.06 6.13 -14.59
CA PHE A 432 -7.94 5.41 -15.51
C PHE A 432 -8.65 4.26 -14.78
N LEU A 433 -7.91 3.55 -13.90
CA LEU A 433 -8.46 2.44 -13.16
C LEU A 433 -9.35 2.88 -11.99
N GLU A 434 -8.94 3.93 -11.29
CA GLU A 434 -9.73 4.46 -10.17
C GLU A 434 -11.07 4.97 -10.63
N ASP A 435 -11.17 5.44 -11.89
CA ASP A 435 -12.37 6.06 -12.41
C ASP A 435 -12.99 5.22 -13.48
N TYR A 436 -12.67 3.94 -13.49
CA TYR A 436 -13.15 3.04 -14.50
C TYR A 436 -14.66 3.00 -14.54
N PHE A 437 -15.28 2.84 -13.39
CA PHE A 437 -16.71 2.80 -13.28
C PHE A 437 -17.15 4.21 -12.95
N THR A 438 -17.76 4.89 -13.93
CA THR A 438 -18.29 6.27 -13.73
C THR A 438 -19.55 6.29 -12.86
N SER A 439 -19.53 7.14 -11.82
CA SER A 439 -20.75 7.33 -11.03
C SER A 439 -21.39 8.65 -11.49
N THR A 440 -22.68 8.64 -11.83
CA THR A 440 -23.42 9.90 -12.08
C THR A 440 -23.40 10.75 -10.79
N GLU A 441 -23.64 10.09 -9.67
CA GLU A 441 -23.76 10.74 -8.36
C GLU A 441 -22.70 11.79 -8.06
N PRO A 442 -23.08 12.74 -7.22
CA PRO A 442 -22.27 13.91 -6.91
C PRO A 442 -21.06 13.60 -6.08
N GLN A 443 -19.99 14.35 -6.29
CA GLN A 443 -18.79 14.17 -5.51
C GLN A 443 -19.04 14.47 -4.05
N PTR A 444 -19.75 15.56 -3.80
CA PTR A 444 -20.11 15.96 -2.46
C PTR A 444 -21.58 16.25 -2.42
O PTR A 444 -22.10 16.86 -3.33
CB PTR A 444 -19.34 17.21 -2.05
CG PTR A 444 -17.90 16.96 -1.72
CD1 PTR A 444 -17.54 16.49 -0.48
CD2 PTR A 444 -16.91 17.17 -2.64
CE1 PTR A 444 -16.22 16.27 -0.17
CE2 PTR A 444 -15.59 16.93 -2.33
CZ PTR A 444 -15.26 16.47 -1.09
OH PTR A 444 -13.96 16.23 -0.76
P PTR A 444 -12.80 16.14 -1.70
O1P PTR A 444 -11.64 15.54 -1.03
O2P PTR A 444 -13.20 15.29 -2.72
O3P PTR A 444 -12.29 17.41 -2.29
N GLN A 445 -22.25 15.82 -1.37
CA GLN A 445 -23.64 16.15 -1.21
C GLN A 445 -23.76 17.64 -1.08
N PRO A 446 -24.85 18.21 -1.60
CA PRO A 446 -25.06 19.65 -1.59
C PRO A 446 -25.16 20.17 -0.17
N GLY A 447 -24.60 21.36 0.07
CA GLY A 447 -24.71 22.01 1.36
C GLY A 447 -26.15 22.36 1.68
N GLU A 448 -26.88 22.80 0.66
CA GLU A 448 -28.32 23.01 0.75
C GLU A 448 -28.68 24.09 1.74
N1 0J9 B . 4.64 -11.61 3.87
C2 0J9 B . 3.96 -12.74 3.57
N3 0J9 B . 4.27 -13.47 2.50
C4 0J9 B . 5.26 -13.09 1.70
C5 0J9 B . 6.00 -11.93 1.97
C6 0J9 B . 5.66 -11.18 3.11
CAA 0J9 B . 6.18 -14.95 -1.54
CAB 0J9 B . 5.72 -16.11 0.62
CAC 0J9 B . 3.90 -14.87 -0.50
NAD 0J9 B . 6.28 -10.04 3.47
CAE 0J9 B . 11.02 -9.71 3.31
CAF 0J9 B . 10.02 -10.62 3.71
CAI 0J9 B . 8.00 -10.44 -0.72
CAJ 0J9 B . 10.97 -9.21 1.98
CAK 0J9 B . 9.97 -9.11 -0.22
CAL 0J9 B . 9.02 -11.05 2.83
NAO 0J9 B . 6.72 -12.95 0.13
CAQ 0J9 B . 7.98 -10.97 0.59
CAR 0J9 B . 6.95 -11.89 0.90
CAS 0J9 B . 9.96 -9.64 1.09
CAT 0J9 B . 8.98 -10.56 1.50
NAW 0J9 B . 5.78 -13.62 0.58
CAX 0J9 B . 5.39 -14.90 -0.21
CAG 0J9 B . 8.99 -9.52 -1.12
#